data_1PJU
#
_entry.id   1PJU
#
_cell.length_a   58.688
_cell.length_b   106.607
_cell.length_c   81.804
_cell.angle_alpha   90.00
_cell.angle_beta   104.12
_cell.angle_gamma   90.00
#
_symmetry.space_group_name_H-M   'C 1 2 1'
#
loop_
_entity.id
_entity.type
_entity.pdbx_description
1 polymer 'Wound-induced proteinase inhibitor II'
2 non-polymer 'SULFATE ION'
3 water water
#
_entity_poly.entity_id   1
_entity_poly.type   'polypeptide(L)'
_entity_poly.pdbx_seq_one_letter_code
;KACTRECGNLGFGICPRSEGSPLNPICINCCSGYKGCNYYNSFGKFICEGESDPKRPNACTFNCDPNIAYSRCPRSQGKS
LIYPTGCTTCCTGYKGCYYFGKDGKFVCEGESDEPKANMYPVM
;
_entity_poly.pdbx_strand_id   A,B,C,D
#
# COMPACT_ATOMS: atom_id res chain seq x y z
N ALA A 2 11.51 21.49 8.47
CA ALA A 2 12.19 22.11 9.64
C ALA A 2 12.43 21.05 10.73
N CYS A 3 13.66 20.55 10.77
CA CYS A 3 14.07 19.54 11.76
C CYS A 3 15.17 20.10 12.66
N THR A 4 15.28 19.57 13.87
CA THR A 4 16.34 20.01 14.81
C THR A 4 17.69 19.49 14.33
N ARG A 5 18.76 20.02 14.91
CA ARG A 5 20.13 19.63 14.57
C ARG A 5 20.56 18.31 15.23
N GLU A 6 19.68 17.73 16.05
CA GLU A 6 20.01 16.56 16.87
C GLU A 6 20.48 15.38 16.01
N CYS A 7 21.55 14.73 16.46
CA CYS A 7 22.03 13.50 15.85
C CYS A 7 21.27 12.33 16.45
N GLY A 8 20.48 11.65 15.60
CA GLY A 8 19.69 10.51 16.04
C GLY A 8 20.54 9.28 16.27
N ASN A 9 19.97 8.29 16.97
CA ASN A 9 20.66 7.06 17.33
C ASN A 9 19.81 5.82 16.98
N LEU A 10 19.17 5.88 15.82
CA LEU A 10 18.32 4.79 15.34
C LEU A 10 19.16 3.62 14.80
N GLY A 11 18.51 2.49 14.60
CA GLY A 11 19.18 1.27 14.18
C GLY A 11 19.18 1.11 12.67
N PHE A 12 17.99 1.01 12.09
CA PHE A 12 17.82 0.76 10.66
C PHE A 12 16.47 1.27 10.18
N GLY A 13 16.37 1.54 8.88
CA GLY A 13 15.08 1.86 8.27
C GLY A 13 14.72 0.82 7.23
N ILE A 14 13.43 0.52 7.11
CA ILE A 14 12.93 -0.26 5.99
C ILE A 14 11.85 0.53 5.27
N CYS A 15 11.92 0.50 3.94
CA CYS A 15 11.02 1.29 3.09
C CYS A 15 10.39 0.38 2.05
N PRO A 16 9.09 0.09 2.17
CA PRO A 16 8.37 -0.68 1.15
C PRO A 16 8.34 0.12 -0.14
N ARG A 17 8.94 -0.43 -1.19
CA ARG A 17 9.16 0.24 -2.45
C ARG A 17 9.08 -0.75 -3.60
N SER A 18 8.57 -0.31 -4.75
CA SER A 18 8.56 -1.14 -5.95
C SER A 18 9.99 -1.59 -6.27
N GLU A 19 10.16 -2.88 -6.56
CA GLU A 19 11.48 -3.46 -6.79
C GLU A 19 11.44 -4.42 -7.98
N GLY A 20 12.54 -4.49 -8.72
CA GLY A 20 12.73 -5.49 -9.75
C GLY A 20 11.98 -5.25 -11.04
N SER A 21 12.19 -6.16 -12.00
CA SER A 21 11.53 -6.13 -13.30
C SER A 21 11.44 -7.55 -13.83
N PRO A 22 10.63 -7.80 -14.85
CA PRO A 22 10.57 -9.11 -15.50
C PRO A 22 11.96 -9.67 -15.80
N LEU A 23 12.80 -8.88 -16.47
CA LEU A 23 14.14 -9.29 -16.89
C LEU A 23 15.20 -9.29 -15.76
N ASN A 24 14.93 -8.56 -14.68
CA ASN A 24 15.83 -8.50 -13.53
C ASN A 24 15.09 -8.72 -12.19
N PRO A 25 14.74 -9.97 -11.91
CA PRO A 25 13.88 -10.32 -10.76
C PRO A 25 14.50 -10.03 -9.41
N ILE A 26 13.70 -9.46 -8.51
CA ILE A 26 14.10 -9.34 -7.10
C ILE A 26 13.88 -10.66 -6.36
N CYS A 27 14.78 -10.96 -5.41
CA CYS A 27 14.64 -12.15 -4.58
C CYS A 27 13.85 -11.78 -3.34
N ILE A 28 12.62 -12.27 -3.26
CA ILE A 28 11.72 -11.94 -2.16
C ILE A 28 10.67 -13.04 -2.04
N ASN A 29 9.91 -13.05 -0.96
CA ASN A 29 8.78 -13.97 -0.83
C ASN A 29 7.58 -13.23 -0.29
N CYS A 30 6.41 -13.86 -0.37
CA CYS A 30 5.16 -13.24 0.09
C CYS A 30 5.18 -12.93 1.57
N CYS A 31 5.80 -13.83 2.33
CA CYS A 31 5.98 -13.64 3.76
C CYS A 31 6.69 -12.31 4.09
N SER A 32 7.81 -12.04 3.42
CA SER A 32 8.63 -10.85 3.72
C SER A 32 8.25 -9.60 2.94
N GLY A 33 7.49 -9.79 1.85
CA GLY A 33 6.95 -8.67 1.08
C GLY A 33 5.95 -7.91 1.94
N TYR A 34 5.69 -6.64 1.60
CA TYR A 34 4.96 -5.74 2.48
C TYR A 34 3.49 -5.60 2.13
N LYS A 35 2.65 -5.41 3.15
CA LYS A 35 1.23 -5.13 2.93
C LYS A 35 1.15 -3.88 2.09
N GLY A 36 0.19 -3.84 1.16
CA GLY A 36 0.07 -2.70 0.28
C GLY A 36 0.91 -2.77 -0.97
N CYS A 37 1.79 -3.77 -1.04
CA CYS A 37 2.56 -4.04 -2.24
C CYS A 37 2.06 -5.34 -2.86
N ASN A 38 1.98 -5.37 -4.18
CA ASN A 38 1.62 -6.58 -4.91
C ASN A 38 2.83 -7.16 -5.60
N TYR A 39 2.94 -8.48 -5.60
CA TYR A 39 4.07 -9.20 -6.19
C TYR A 39 3.65 -10.01 -7.40
N TYR A 40 4.49 -9.99 -8.44
CA TYR A 40 4.15 -10.52 -9.76
C TYR A 40 5.28 -11.35 -10.34
N ASN A 41 4.94 -12.32 -11.19
CA ASN A 41 5.97 -13.05 -11.93
C ASN A 41 6.48 -12.26 -13.11
N SER A 42 7.46 -12.81 -13.82
CA SER A 42 8.09 -12.12 -14.95
C SER A 42 7.13 -11.93 -16.14
N PHE A 43 6.07 -12.73 -16.18
CA PHE A 43 5.03 -12.67 -17.20
C PHE A 43 3.91 -11.71 -16.74
N GLY A 44 4.08 -11.15 -15.54
CA GLY A 44 3.18 -10.13 -15.03
C GLY A 44 1.93 -10.65 -14.35
N LYS A 45 1.89 -11.95 -14.08
CA LYS A 45 0.79 -12.57 -13.35
C LYS A 45 0.90 -12.25 -11.86
N PHE A 46 -0.22 -11.82 -11.27
CA PHE A 46 -0.28 -11.51 -9.84
C PHE A 46 0.00 -12.75 -9.01
N ILE A 47 0.94 -12.64 -8.07
CA ILE A 47 1.29 -13.76 -7.19
C ILE A 47 0.67 -13.62 -5.80
N CYS A 48 0.87 -12.47 -5.15
CA CYS A 48 0.37 -12.24 -3.81
C CYS A 48 0.48 -10.78 -3.40
N GLU A 49 -0.31 -10.40 -2.41
CA GLU A 49 0.01 -9.18 -1.66
C GLU A 49 1.03 -9.54 -0.59
N GLY A 50 1.97 -8.64 -0.32
CA GLY A 50 2.88 -8.81 0.79
C GLY A 50 2.15 -9.04 2.10
N GLU A 51 2.71 -9.88 2.96
CA GLU A 51 2.09 -10.23 4.25
C GLU A 51 2.63 -9.42 5.42
N SER A 52 3.72 -8.70 5.17
CA SER A 52 4.50 -8.11 6.26
C SER A 52 4.15 -6.65 6.53
N ASP A 53 3.93 -6.36 7.81
CA ASP A 53 3.73 -5.00 8.28
C ASP A 53 5.09 -4.39 8.59
N PRO A 54 5.46 -3.32 7.90
CA PRO A 54 6.81 -2.74 8.06
C PRO A 54 7.08 -2.16 9.45
N LYS A 55 6.04 -2.02 10.27
CA LYS A 55 6.22 -1.58 11.66
C LYS A 55 6.55 -2.75 12.58
N ARG A 56 6.24 -3.96 12.13
CA ARG A 56 6.49 -5.21 12.86
C ARG A 56 6.63 -6.38 11.87
N PRO A 57 7.76 -6.45 11.16
CA PRO A 57 7.91 -7.41 10.05
C PRO A 57 7.73 -8.87 10.46
N ASN A 58 7.21 -9.68 9.53
CA ASN A 58 7.05 -11.09 9.80
C ASN A 58 8.41 -11.75 10.00
N ALA A 59 8.39 -12.87 10.72
CA ALA A 59 9.49 -13.81 10.71
C ALA A 59 9.44 -14.59 9.38
N CYS A 60 10.43 -14.38 8.52
CA CYS A 60 10.51 -15.08 7.22
C CYS A 60 11.93 -15.57 6.95
N THR A 61 12.08 -16.53 6.03
CA THR A 61 13.40 -16.87 5.51
C THR A 61 13.83 -15.84 4.47
N PHE A 62 15.11 -15.86 4.11
CA PHE A 62 15.61 -15.06 2.99
C PHE A 62 15.33 -15.70 1.61
N ASN A 63 14.74 -16.92 1.61
CA ASN A 63 14.51 -17.65 0.36
C ASN A 63 13.67 -16.90 -0.67
N CYS A 64 14.21 -16.76 -1.89
CA CYS A 64 13.45 -16.22 -3.03
C CYS A 64 12.26 -17.11 -3.36
N ASP A 65 11.11 -16.48 -3.58
CA ASP A 65 9.99 -17.16 -4.22
C ASP A 65 10.25 -17.06 -5.73
N PRO A 66 10.51 -18.19 -6.38
CA PRO A 66 10.87 -18.18 -7.81
C PRO A 66 9.69 -17.75 -8.68
N ASN A 67 8.52 -17.58 -8.08
CA ASN A 67 7.35 -17.07 -8.81
C ASN A 67 7.32 -15.54 -8.84
N ILE A 68 8.21 -14.89 -8.09
CA ILE A 68 8.21 -13.44 -7.99
C ILE A 68 9.40 -12.83 -8.73
N ALA A 69 9.10 -11.89 -9.61
CA ALA A 69 10.11 -11.10 -10.30
C ALA A 69 10.09 -9.64 -9.87
N TYR A 70 8.91 -9.07 -9.68
CA TYR A 70 8.79 -7.65 -9.34
C TYR A 70 7.64 -7.28 -8.42
N SER A 71 7.73 -6.09 -7.84
CA SER A 71 6.68 -5.58 -6.96
C SER A 71 6.17 -4.20 -7.41
N ARG A 72 4.92 -3.92 -7.03
CA ARG A 72 4.33 -2.59 -7.16
C ARG A 72 3.86 -2.14 -5.79
N CYS A 73 4.52 -1.10 -5.26
CA CYS A 73 4.16 -0.48 -3.99
C CYS A 73 3.65 0.93 -4.27
N PRO A 74 2.92 1.54 -3.33
CA PRO A 74 2.47 2.94 -3.51
C PRO A 74 3.62 3.90 -3.83
N ARG A 75 4.78 3.67 -3.22
CA ARG A 75 5.97 4.49 -3.45
C ARG A 75 7.01 3.66 -4.20
N SER A 76 7.88 4.34 -4.94
CA SER A 76 8.84 3.68 -5.83
C SER A 76 10.29 4.16 -5.69
N GLN A 77 10.51 5.25 -4.94
CA GLN A 77 11.84 5.87 -4.85
C GLN A 77 12.74 5.33 -3.75
N GLY A 78 14.04 5.32 -4.03
CA GLY A 78 15.05 5.10 -3.01
C GLY A 78 15.28 3.66 -2.59
N LYS A 79 15.86 3.52 -1.40
CA LYS A 79 16.33 2.25 -0.85
C LYS A 79 15.21 1.47 -0.14
N SER A 80 15.28 0.15 -0.21
CA SER A 80 14.39 -0.70 0.57
C SER A 80 14.87 -0.82 2.02
N LEU A 81 16.18 -0.69 2.20
CA LEU A 81 16.81 -0.83 3.51
C LEU A 81 17.81 0.30 3.70
N ILE A 82 17.76 0.91 4.88
CA ILE A 82 18.68 1.97 5.24
C ILE A 82 19.43 1.50 6.48
N TYR A 83 20.72 1.23 6.31
CA TYR A 83 21.58 0.79 7.40
C TYR A 83 23.03 1.04 7.02
N PRO A 84 23.81 1.70 7.88
CA PRO A 84 23.32 2.33 9.12
C PRO A 84 22.57 3.63 8.86
N THR A 85 22.08 4.28 9.91
CA THR A 85 21.24 5.46 9.75
C THR A 85 21.99 6.77 10.02
N GLY A 86 23.21 6.65 10.51
CA GLY A 86 24.00 7.82 10.90
C GLY A 86 23.22 8.68 11.87
N CYS A 87 23.14 9.97 11.59
CA CYS A 87 22.49 10.94 12.48
C CYS A 87 21.00 11.14 12.22
N THR A 88 20.44 10.31 11.32
CA THR A 88 19.03 10.41 10.94
C THR A 88 18.10 10.36 12.16
N THR A 89 17.11 11.24 12.15
CA THR A 89 16.09 11.24 13.19
C THR A 89 14.74 10.94 12.59
N CYS A 90 13.74 10.77 13.45
CA CYS A 90 12.37 10.58 13.00
C CYS A 90 11.96 11.68 12.04
N CYS A 91 12.37 12.91 12.37
CA CYS A 91 12.07 14.07 11.56
C CYS A 91 12.76 14.07 10.19
N THR A 92 14.07 13.82 10.17
CA THR A 92 14.83 13.86 8.91
C THR A 92 14.73 12.57 8.11
N GLY A 93 14.27 11.50 8.76
CA GLY A 93 13.94 10.26 8.08
C GLY A 93 12.88 10.47 7.01
N TYR A 94 12.80 9.52 6.08
CA TYR A 94 11.89 9.61 4.94
C TYR A 94 10.50 9.05 5.21
N LYS A 95 9.48 9.77 4.73
CA LYS A 95 8.11 9.28 4.64
C LYS A 95 8.10 7.90 3.97
N GLY A 96 7.25 7.00 4.46
CA GLY A 96 7.17 5.66 3.89
C GLY A 96 8.41 4.84 4.20
N CYS A 97 9.24 5.32 5.12
CA CYS A 97 10.34 4.56 5.68
C CYS A 97 10.13 4.40 7.18
N TYR A 98 10.37 3.18 7.68
CA TYR A 98 10.00 2.82 9.04
C TYR A 98 11.27 2.48 9.81
N TYR A 99 11.59 3.34 10.76
CA TYR A 99 12.86 3.30 11.48
C TYR A 99 12.69 2.55 12.79
N PHE A 100 13.67 1.71 13.08
CA PHE A 100 13.68 0.86 14.25
C PHE A 100 14.84 1.27 15.14
N GLY A 101 14.67 1.11 16.45
CA GLY A 101 15.72 1.39 17.42
C GLY A 101 16.79 0.31 17.39
N LYS A 102 17.89 0.59 18.08
CA LYS A 102 18.95 -0.39 18.23
C LYS A 102 18.51 -1.65 18.99
N ASP A 103 17.33 -1.60 19.62
CA ASP A 103 16.76 -2.79 20.27
C ASP A 103 15.94 -3.66 19.31
N GLY A 104 15.74 -3.18 18.09
CA GLY A 104 15.03 -3.93 17.07
C GLY A 104 13.54 -3.61 17.04
N LYS A 105 13.13 -2.68 17.89
CA LYS A 105 11.73 -2.28 18.00
C LYS A 105 11.46 -1.03 17.19
N PHE A 106 10.27 -0.96 16.61
CA PHE A 106 9.86 0.17 15.80
C PHE A 106 9.80 1.45 16.62
N VAL A 107 10.40 2.53 16.10
CA VAL A 107 10.34 3.84 16.74
C VAL A 107 9.38 4.77 16.00
N CYS A 108 9.61 4.96 14.71
CA CYS A 108 8.86 5.95 13.94
C CYS A 108 8.98 5.77 12.45
N GLU A 109 8.01 6.33 11.74
CA GLU A 109 8.09 6.56 10.32
C GLU A 109 8.72 7.94 10.08
N GLY A 110 9.55 8.02 9.04
CA GLY A 110 10.21 9.26 8.66
C GLY A 110 9.20 10.31 8.23
N GLU A 111 9.61 11.57 8.31
CA GLU A 111 8.70 12.69 8.11
C GLU A 111 9.09 13.57 6.93
N SER A 112 10.27 13.33 6.36
CA SER A 112 10.83 14.17 5.31
C SER A 112 10.66 13.56 3.91
N ASP A 113 10.61 14.43 2.91
CA ASP A 113 10.51 13.99 1.52
C ASP A 113 11.83 13.36 1.08
N GLU A 114 11.72 12.23 0.40
CA GLU A 114 12.88 11.48 -0.09
C GLU A 114 13.23 11.93 -1.51
N PRO A 115 14.51 12.27 -1.75
CA PRO A 115 14.96 12.68 -3.08
C PRO A 115 14.75 11.60 -4.14
N LYS A 116 14.31 12.02 -5.32
CA LYS A 116 14.03 11.11 -6.42
C LYS A 116 15.14 11.16 -7.47
N CYS B 3 -40.76 -9.33 -15.14
CA CYS B 3 -39.34 -9.37 -15.59
C CYS B 3 -38.94 -10.74 -16.14
N THR B 4 -37.72 -10.82 -16.67
CA THR B 4 -37.16 -12.07 -17.19
C THR B 4 -36.14 -12.67 -16.21
N ARG B 5 -35.69 -13.89 -16.50
CA ARG B 5 -34.69 -14.56 -15.68
C ARG B 5 -33.27 -14.21 -16.14
N GLU B 6 -33.20 -13.27 -17.08
CA GLU B 6 -31.97 -12.83 -17.72
C GLU B 6 -31.07 -12.07 -16.73
N CYS B 7 -29.79 -12.45 -16.68
CA CYS B 7 -28.82 -11.81 -15.78
C CYS B 7 -28.24 -10.55 -16.40
N GLY B 8 -28.51 -9.40 -15.78
CA GLY B 8 -28.03 -8.12 -16.24
C GLY B 8 -26.53 -7.94 -16.06
N ASN B 9 -25.94 -7.06 -16.85
CA ASN B 9 -24.51 -6.74 -16.78
C ASN B 9 -24.26 -5.24 -16.64
N LEU B 10 -24.98 -4.61 -15.72
CA LEU B 10 -24.84 -3.19 -15.48
C LEU B 10 -23.60 -2.95 -14.60
N GLY B 11 -23.16 -1.70 -14.54
CA GLY B 11 -21.97 -1.32 -13.79
C GLY B 11 -22.28 -0.86 -12.39
N PHE B 12 -23.09 0.19 -12.25
CA PHE B 12 -23.47 0.74 -10.95
C PHE B 12 -24.80 1.50 -11.01
N GLY B 13 -25.42 1.65 -9.84
CA GLY B 13 -26.60 2.49 -9.71
C GLY B 13 -26.39 3.58 -8.68
N ILE B 14 -27.05 4.71 -8.91
CA ILE B 14 -27.12 5.80 -7.94
C ILE B 14 -28.59 6.13 -7.65
N CYS B 15 -28.91 6.25 -6.36
CA CYS B 15 -30.29 6.49 -5.93
C CYS B 15 -30.39 7.76 -5.09
N PRO B 16 -30.74 8.89 -5.72
CA PRO B 16 -30.94 10.14 -4.99
C PRO B 16 -31.95 9.93 -3.87
N ARG B 17 -31.47 10.06 -2.63
CA ARG B 17 -32.33 9.87 -1.46
C ARG B 17 -31.90 10.77 -0.29
N SER B 18 -32.85 11.10 0.60
CA SER B 18 -32.52 11.90 1.78
C SER B 18 -31.45 11.21 2.62
N GLU B 19 -30.40 11.93 2.97
CA GLU B 19 -29.34 11.37 3.82
C GLU B 19 -28.88 12.39 4.85
N GLY B 20 -28.41 11.87 5.99
CA GLY B 20 -27.77 12.67 7.02
C GLY B 20 -28.69 13.38 7.98
N SER B 21 -28.10 13.97 9.02
CA SER B 21 -28.81 14.68 10.08
C SER B 21 -27.83 15.68 10.72
N PRO B 22 -28.34 16.68 11.44
CA PRO B 22 -27.48 17.70 12.05
C PRO B 22 -26.27 17.14 12.81
N LEU B 23 -26.51 16.15 13.67
CA LEU B 23 -25.45 15.57 14.50
C LEU B 23 -24.63 14.52 13.76
N ASN B 24 -25.19 14.00 12.67
CA ASN B 24 -24.50 13.02 11.83
C ASN B 24 -24.55 13.44 10.36
N PRO B 25 -23.67 14.39 9.99
CA PRO B 25 -23.73 15.04 8.67
C PRO B 25 -23.16 14.20 7.53
N ILE B 26 -23.68 14.43 6.31
CA ILE B 26 -23.11 13.86 5.09
C ILE B 26 -22.08 14.79 4.48
N CYS B 27 -21.08 14.19 3.85
CA CYS B 27 -20.10 14.94 3.09
C CYS B 27 -20.50 14.98 1.62
N ILE B 28 -20.94 16.17 1.19
CA ILE B 28 -21.40 16.39 -0.17
C ILE B 28 -21.33 17.90 -0.50
N ASN B 29 -21.42 18.25 -1.78
CA ASN B 29 -21.48 19.65 -2.17
C ASN B 29 -22.65 19.89 -3.12
N CYS B 30 -22.92 21.15 -3.46
CA CYS B 30 -24.07 21.49 -4.31
C CYS B 30 -23.90 20.99 -5.75
N CYS B 31 -22.64 20.90 -6.18
CA CYS B 31 -22.30 20.34 -7.47
C CYS B 31 -22.74 18.87 -7.59
N SER B 32 -22.44 18.06 -6.59
CA SER B 32 -22.68 16.63 -6.66
C SER B 32 -24.04 16.20 -6.10
N GLY B 33 -24.66 17.05 -5.29
CA GLY B 33 -26.02 16.83 -4.82
C GLY B 33 -26.99 16.81 -5.99
N TYR B 34 -28.13 16.16 -5.82
CA TYR B 34 -29.01 15.89 -6.95
C TYR B 34 -30.12 16.91 -7.14
N LYS B 35 -30.47 17.12 -8.40
CA LYS B 35 -31.65 17.91 -8.75
C LYS B 35 -32.86 17.30 -8.06
N GLY B 36 -33.70 18.15 -7.49
CA GLY B 36 -34.85 17.69 -6.72
C GLY B 36 -34.60 17.57 -5.21
N CYS B 37 -33.33 17.46 -4.82
CA CYS B 37 -32.96 17.38 -3.40
C CYS B 37 -32.53 18.74 -2.89
N ASN B 38 -33.04 19.13 -1.72
CA ASN B 38 -32.57 20.35 -1.03
C ASN B 38 -31.52 19.99 0.00
N TYR B 39 -30.52 20.85 0.17
CA TYR B 39 -29.44 20.63 1.15
C TYR B 39 -29.42 21.72 2.22
N TYR B 40 -29.19 21.27 3.46
CA TYR B 40 -29.36 22.10 4.67
C TYR B 40 -28.14 22.00 5.57
N ASN B 41 -27.97 22.98 6.43
CA ASN B 41 -26.95 22.92 7.49
C ASN B 41 -27.48 22.22 8.74
N SER B 42 -26.65 22.12 9.78
CA SER B 42 -27.05 21.50 11.04
C SER B 42 -28.20 22.24 11.73
N PHE B 43 -28.28 23.55 11.49
CA PHE B 43 -29.33 24.40 12.06
C PHE B 43 -30.63 24.38 11.25
N GLY B 44 -30.64 23.65 10.13
CA GLY B 44 -31.85 23.53 9.32
C GLY B 44 -32.05 24.64 8.30
N LYS B 45 -30.98 25.40 8.04
CA LYS B 45 -31.01 26.44 7.02
C LYS B 45 -30.79 25.84 5.63
N PHE B 46 -31.67 26.19 4.69
CA PHE B 46 -31.49 25.84 3.29
C PHE B 46 -30.18 26.44 2.78
N ILE B 47 -29.40 25.61 2.09
CA ILE B 47 -28.13 26.05 1.49
C ILE B 47 -28.26 26.05 -0.04
N CYS B 48 -28.70 24.92 -0.60
CA CYS B 48 -28.83 24.80 -2.05
C CYS B 48 -29.65 23.59 -2.46
N GLU B 49 -30.23 23.67 -3.66
CA GLU B 49 -30.76 22.50 -4.35
C GLU B 49 -29.57 21.82 -5.00
N GLY B 50 -29.56 20.49 -5.00
CA GLY B 50 -28.51 19.79 -5.73
C GLY B 50 -28.55 20.16 -7.20
N GLU B 51 -27.39 20.21 -7.84
CA GLU B 51 -27.27 20.63 -9.25
C GLU B 51 -27.10 19.46 -10.23
N SER B 52 -27.03 18.24 -9.70
CA SER B 52 -26.63 17.10 -10.50
C SER B 52 -27.82 16.28 -11.01
N ASP B 53 -27.83 16.05 -12.32
CA ASP B 53 -28.80 15.18 -12.96
C ASP B 53 -28.36 13.71 -12.81
N PRO B 54 -29.12 12.90 -12.06
CA PRO B 54 -28.76 11.49 -11.85
C PRO B 54 -28.58 10.67 -13.13
N LYS B 55 -29.14 11.14 -14.24
CA LYS B 55 -29.00 10.47 -15.54
C LYS B 55 -27.70 10.87 -16.24
N ARG B 56 -27.09 11.96 -15.77
CA ARG B 56 -25.75 12.36 -16.22
C ARG B 56 -25.15 13.33 -15.18
N PRO B 57 -24.58 12.77 -14.12
CA PRO B 57 -24.10 13.57 -12.99
C PRO B 57 -22.99 14.54 -13.38
N ASN B 58 -22.90 15.64 -12.64
CA ASN B 58 -21.90 16.65 -12.91
C ASN B 58 -20.50 16.15 -12.59
N ALA B 59 -19.51 16.73 -13.23
CA ALA B 59 -18.12 16.53 -12.82
C ALA B 59 -17.87 17.38 -11.58
N CYS B 60 -17.60 16.73 -10.45
CA CYS B 60 -17.44 17.39 -9.16
C CYS B 60 -16.30 16.79 -8.37
N THR B 61 -15.76 17.57 -7.43
CA THR B 61 -14.81 17.05 -6.44
C THR B 61 -15.56 16.23 -5.39
N PHE B 62 -14.83 15.42 -4.64
CA PHE B 62 -15.38 14.69 -3.49
C PHE B 62 -15.44 15.54 -2.22
N ASN B 63 -14.99 16.79 -2.31
CA ASN B 63 -14.88 17.67 -1.15
C ASN B 63 -16.20 18.13 -0.54
N CYS B 64 -16.31 18.00 0.78
CA CYS B 64 -17.49 18.44 1.52
C CYS B 64 -17.71 19.94 1.41
N ASP B 65 -18.97 20.32 1.28
CA ASP B 65 -19.38 21.69 1.55
C ASP B 65 -19.68 21.74 3.04
N PRO B 66 -18.86 22.47 3.79
CA PRO B 66 -18.93 22.47 5.27
C PRO B 66 -20.21 23.12 5.80
N ASN B 67 -20.97 23.75 4.91
CA ASN B 67 -22.27 24.32 5.26
C ASN B 67 -23.39 23.30 5.09
N ILE B 68 -23.07 22.11 4.57
CA ILE B 68 -24.09 21.07 4.37
C ILE B 68 -23.98 19.96 5.42
N ALA B 69 -25.09 19.71 6.11
CA ALA B 69 -25.19 18.61 7.06
C ALA B 69 -26.09 17.50 6.54
N TYR B 70 -27.19 17.86 5.88
CA TYR B 70 -28.16 16.87 5.45
C TYR B 70 -29.03 17.30 4.26
N SER B 71 -29.73 16.32 3.69
CA SER B 71 -30.55 16.53 2.50
C SER B 71 -31.97 16.04 2.70
N ARG B 72 -32.88 16.63 1.91
CA ARG B 72 -34.26 16.16 1.78
C ARG B 72 -34.51 15.89 0.30
N CYS B 73 -34.70 14.63 -0.06
CA CYS B 73 -34.98 14.25 -1.44
C CYS B 73 -36.44 13.81 -1.58
N PRO B 74 -36.95 13.73 -2.81
CA PRO B 74 -38.27 13.13 -3.06
C PRO B 74 -38.45 11.76 -2.40
N ARG B 75 -37.46 10.86 -2.55
CA ARG B 75 -37.43 9.59 -1.82
C ARG B 75 -36.44 9.70 -0.66
N SER B 76 -36.74 9.02 0.44
CA SER B 76 -35.84 9.00 1.59
C SER B 76 -35.49 7.56 1.96
N GLN B 77 -35.59 6.67 0.96
CA GLN B 77 -35.59 5.24 1.18
C GLN B 77 -34.60 4.48 0.28
N GLY B 78 -33.78 3.63 0.89
CA GLY B 78 -32.89 2.74 0.17
C GLY B 78 -31.40 3.01 0.39
N LYS B 79 -30.60 2.60 -0.57
CA LYS B 79 -29.16 2.88 -0.57
C LYS B 79 -28.88 3.99 -1.58
N SER B 80 -27.93 4.86 -1.28
CA SER B 80 -27.59 5.96 -2.17
C SER B 80 -26.70 5.51 -3.33
N LEU B 81 -25.91 4.47 -3.08
CA LEU B 81 -25.04 3.90 -4.11
C LEU B 81 -25.11 2.38 -4.07
N ILE B 82 -25.37 1.79 -5.24
CA ILE B 82 -25.35 0.34 -5.39
C ILE B 82 -24.21 -0.11 -6.31
N TYR B 83 -23.23 -0.78 -5.70
CA TYR B 83 -22.08 -1.30 -6.43
C TYR B 83 -21.46 -2.48 -5.69
N PRO B 84 -21.25 -3.61 -6.36
CA PRO B 84 -21.72 -3.82 -7.75
C PRO B 84 -23.21 -4.16 -7.81
N THR B 85 -23.70 -4.44 -9.01
CA THR B 85 -25.14 -4.61 -9.26
C THR B 85 -25.57 -6.08 -9.38
N GLY B 86 -24.60 -6.98 -9.53
CA GLY B 86 -24.89 -8.39 -9.70
C GLY B 86 -25.67 -8.69 -10.97
N CYS B 87 -26.77 -9.43 -10.82
CA CYS B 87 -27.63 -9.80 -11.94
C CYS B 87 -28.75 -8.78 -12.22
N THR B 88 -28.78 -7.69 -11.45
CA THR B 88 -29.78 -6.65 -11.61
C THR B 88 -29.91 -6.20 -13.07
N THR B 89 -31.14 -6.10 -13.53
CA THR B 89 -31.46 -5.54 -14.83
C THR B 89 -32.23 -4.25 -14.63
N CYS B 90 -32.49 -3.55 -15.74
CA CYS B 90 -33.34 -2.35 -15.73
C CYS B 90 -34.69 -2.68 -15.12
N CYS B 91 -35.12 -3.91 -15.37
CA CYS B 91 -36.42 -4.36 -14.93
C CYS B 91 -36.48 -4.64 -13.43
N THR B 92 -35.53 -5.43 -12.93
CA THR B 92 -35.50 -5.77 -11.50
C THR B 92 -34.90 -4.66 -10.64
N GLY B 93 -34.31 -3.66 -11.29
CA GLY B 93 -33.76 -2.50 -10.59
C GLY B 93 -34.87 -1.70 -9.92
N TYR B 94 -34.49 -0.91 -8.92
CA TYR B 94 -35.46 -0.16 -8.14
C TYR B 94 -35.80 1.19 -8.76
N LYS B 95 -37.08 1.56 -8.70
CA LYS B 95 -37.55 2.90 -9.05
C LYS B 95 -36.86 3.90 -8.13
N GLY B 96 -36.41 5.02 -8.68
CA GLY B 96 -35.65 6.02 -7.92
C GLY B 96 -34.15 5.74 -7.90
N CYS B 97 -33.76 4.62 -8.50
CA CYS B 97 -32.35 4.27 -8.70
C CYS B 97 -32.03 4.36 -10.18
N TYR B 98 -30.86 4.91 -10.49
CA TYR B 98 -30.45 5.14 -11.87
C TYR B 98 -29.20 4.33 -12.21
N TYR B 99 -29.33 3.42 -13.17
CA TYR B 99 -28.27 2.45 -13.46
C TYR B 99 -27.44 2.81 -14.69
N PHE B 100 -26.14 2.57 -14.58
CA PHE B 100 -25.16 2.93 -15.60
C PHE B 100 -24.45 1.66 -16.07
N GLY B 101 -23.98 1.67 -17.32
CA GLY B 101 -23.26 0.53 -17.88
C GLY B 101 -21.83 0.47 -17.38
N LYS B 102 -21.13 -0.61 -17.75
CA LYS B 102 -19.73 -0.79 -17.41
C LYS B 102 -18.84 0.28 -18.07
N ASP B 103 -19.37 0.89 -19.13
CA ASP B 103 -18.72 2.00 -19.83
C ASP B 103 -18.93 3.33 -19.09
N GLY B 104 -19.72 3.28 -18.02
CA GLY B 104 -19.99 4.44 -17.18
C GLY B 104 -21.07 5.38 -17.70
N LYS B 105 -21.73 5.00 -18.78
CA LYS B 105 -22.81 5.82 -19.36
C LYS B 105 -24.17 5.34 -18.87
N PHE B 106 -25.09 6.29 -18.70
CA PHE B 106 -26.45 6.00 -18.23
C PHE B 106 -27.17 4.98 -19.10
N VAL B 107 -27.87 4.05 -18.46
CA VAL B 107 -28.66 3.05 -19.16
C VAL B 107 -30.15 3.19 -18.86
N CYS B 108 -30.52 3.25 -17.58
CA CYS B 108 -31.94 3.20 -17.21
C CYS B 108 -32.24 3.39 -15.74
N GLU B 109 -33.45 3.88 -15.48
CA GLU B 109 -34.04 3.84 -14.15
C GLU B 109 -34.61 2.44 -13.89
N GLY B 110 -34.46 1.98 -12.66
CA GLY B 110 -35.08 0.73 -12.23
C GLY B 110 -36.59 0.84 -12.28
N GLU B 111 -37.25 -0.28 -12.56
CA GLU B 111 -38.70 -0.29 -12.79
C GLU B 111 -39.52 -0.94 -11.67
N SER B 112 -38.86 -1.52 -10.68
CA SER B 112 -39.54 -2.20 -9.58
C SER B 112 -39.58 -1.37 -8.28
N ASP B 113 -40.64 -1.53 -7.51
CA ASP B 113 -40.75 -0.93 -6.18
C ASP B 113 -39.90 -1.72 -5.19
N GLU B 114 -39.56 -1.10 -4.06
CA GLU B 114 -38.95 -1.81 -2.94
C GLU B 114 -39.99 -2.74 -2.32
N PRO B 115 -39.55 -3.92 -1.86
CA PRO B 115 -40.48 -4.95 -1.37
C PRO B 115 -41.33 -4.53 -0.17
N ALA C 2 33.23 -34.51 -16.80
CA ALA C 2 32.66 -33.18 -17.13
C ALA C 2 31.13 -33.15 -16.95
N CYS C 3 30.60 -31.98 -16.66
CA CYS C 3 29.14 -31.78 -16.53
C CYS C 3 28.40 -32.08 -17.83
N THR C 4 27.25 -32.74 -17.71
CA THR C 4 26.41 -33.06 -18.86
C THR C 4 25.81 -31.78 -19.43
N ARG C 5 25.35 -31.82 -20.68
CA ARG C 5 24.95 -30.60 -21.39
C ARG C 5 23.58 -29.97 -21.01
N GLU C 6 22.87 -30.59 -20.07
CA GLU C 6 21.47 -30.25 -19.82
C GLU C 6 21.20 -28.90 -19.12
N CYS C 7 20.02 -28.35 -19.40
CA CYS C 7 19.56 -27.10 -18.81
C CYS C 7 18.76 -27.36 -17.54
N GLY C 8 19.32 -26.99 -16.39
CA GLY C 8 18.67 -27.17 -15.11
C GLY C 8 17.44 -26.32 -14.94
N ASN C 9 16.64 -26.62 -13.92
CA ASN C 9 15.41 -25.89 -13.65
C ASN C 9 15.31 -25.45 -12.19
N LEU C 10 16.42 -24.94 -11.65
CA LEU C 10 16.50 -24.56 -10.24
C LEU C 10 15.85 -23.19 -9.99
N GLY C 11 15.54 -22.91 -8.72
CA GLY C 11 14.86 -21.69 -8.35
C GLY C 11 15.82 -20.58 -7.96
N PHE C 12 16.73 -20.89 -7.04
CA PHE C 12 17.71 -19.93 -6.57
C PHE C 12 18.87 -20.62 -5.86
N GLY C 13 19.96 -19.88 -5.71
CA GLY C 13 21.11 -20.34 -4.94
C GLY C 13 21.54 -19.31 -3.91
N ILE C 14 22.02 -19.78 -2.77
CA ILE C 14 22.64 -18.93 -1.76
C ILE C 14 24.07 -19.41 -1.46
N CYS C 15 24.97 -18.47 -1.29
CA CYS C 15 26.38 -18.78 -1.10
C CYS C 15 26.88 -18.03 0.11
N PRO C 16 26.93 -18.68 1.26
CA PRO C 16 27.52 -18.08 2.46
C PRO C 16 28.95 -17.67 2.18
N ARG C 17 29.22 -16.39 2.40
CA ARG C 17 30.53 -15.82 2.23
C ARG C 17 30.72 -14.62 3.16
N SER C 18 31.98 -14.30 3.46
CA SER C 18 32.31 -13.17 4.32
C SER C 18 31.79 -11.86 3.71
N GLU C 19 31.22 -10.99 4.53
CA GLU C 19 30.76 -9.67 4.06
C GLU C 19 31.04 -8.57 5.07
N GLY C 20 31.26 -7.36 4.55
CA GLY C 20 31.42 -6.17 5.36
C GLY C 20 32.78 -6.00 6.00
N SER C 21 32.94 -4.88 6.71
CA SER C 21 34.17 -4.52 7.39
C SER C 21 33.80 -3.56 8.54
N PRO C 22 34.73 -3.29 9.45
CA PRO C 22 34.50 -2.26 10.48
C PRO C 22 34.09 -0.94 9.83
N LEU C 23 34.69 -0.61 8.69
CA LEU C 23 34.39 0.66 8.04
C LEU C 23 33.10 0.62 7.20
N ASN C 24 32.77 -0.56 6.67
CA ASN C 24 31.57 -0.75 5.87
C ASN C 24 30.66 -1.86 6.40
N PRO C 25 29.89 -1.55 7.44
CA PRO C 25 29.12 -2.58 8.15
C PRO C 25 27.94 -3.12 7.36
N ILE C 26 27.58 -4.38 7.60
CA ILE C 26 26.43 -5.01 6.95
C ILE C 26 25.25 -5.16 7.92
N CYS C 27 24.07 -5.33 7.35
CA CYS C 27 22.86 -5.58 8.11
C CYS C 27 22.61 -7.07 8.18
N ILE C 28 22.65 -7.62 9.39
CA ILE C 28 22.40 -9.03 9.61
C ILE C 28 22.07 -9.24 11.09
N ASN C 29 21.57 -10.42 11.43
CA ASN C 29 21.47 -10.81 12.84
C ASN C 29 21.84 -12.28 12.98
N CYS C 30 21.92 -12.74 14.23
CA CYS C 30 22.39 -14.10 14.48
C CYS C 30 21.45 -15.14 13.88
N CYS C 31 20.15 -14.87 13.96
CA CYS C 31 19.12 -15.79 13.47
C CYS C 31 19.27 -16.05 11.97
N SER C 32 19.51 -14.99 11.19
CA SER C 32 19.55 -15.12 9.75
C SER C 32 20.97 -15.26 9.18
N GLY C 33 21.99 -14.93 9.97
CA GLY C 33 23.37 -15.17 9.56
C GLY C 33 23.63 -16.66 9.45
N TYR C 34 24.66 -17.06 8.72
CA TYR C 34 24.86 -18.48 8.41
C TYR C 34 25.70 -19.29 9.40
N LYS C 35 25.21 -20.48 9.69
CA LYS C 35 26.01 -21.54 10.30
C LYS C 35 27.36 -21.62 9.59
N GLY C 36 28.45 -21.70 10.36
CA GLY C 36 29.78 -21.81 9.79
C GLY C 36 30.41 -20.47 9.50
N CYS C 37 29.66 -19.39 9.75
CA CYS C 37 30.14 -18.02 9.61
C CYS C 37 30.14 -17.34 10.97
N ASN C 38 31.22 -16.62 11.26
CA ASN C 38 31.32 -15.86 12.50
C ASN C 38 30.97 -14.38 12.29
N TYR C 39 30.21 -13.83 13.24
CA TYR C 39 29.73 -12.45 13.17
C TYR C 39 30.36 -11.62 14.28
N TYR C 40 30.86 -10.43 13.92
CA TYR C 40 31.70 -9.60 14.79
C TYR C 40 31.25 -8.13 14.80
N ASN C 41 31.57 -7.41 15.87
CA ASN C 41 31.36 -5.95 15.89
C ASN C 41 32.47 -5.20 15.16
N SER C 42 32.39 -3.88 15.15
CA SER C 42 33.36 -3.04 14.46
C SER C 42 34.75 -3.13 15.08
N PHE C 43 34.85 -3.64 16.30
CA PHE C 43 36.13 -3.80 16.97
C PHE C 43 36.65 -5.23 16.88
N GLY C 44 35.98 -6.03 16.06
CA GLY C 44 36.38 -7.41 15.85
C GLY C 44 36.01 -8.33 17.00
N LYS C 45 35.16 -7.86 17.90
CA LYS C 45 34.69 -8.68 19.01
C LYS C 45 33.65 -9.67 18.50
N PHE C 46 33.82 -10.94 18.85
CA PHE C 46 32.95 -12.02 18.44
C PHE C 46 31.54 -11.80 18.98
N ILE C 47 30.55 -11.83 18.09
CA ILE C 47 29.16 -11.70 18.53
C ILE C 47 28.48 -13.06 18.58
N CYS C 48 28.49 -13.78 17.46
CA CYS C 48 27.84 -15.09 17.37
C CYS C 48 28.25 -15.84 16.10
N GLU C 49 28.12 -17.16 16.13
CA GLU C 49 28.05 -17.90 14.88
C GLU C 49 26.64 -17.73 14.30
N GLY C 50 26.51 -17.68 12.98
CA GLY C 50 25.19 -17.65 12.37
C GLY C 50 24.41 -18.89 12.74
N GLU C 51 23.11 -18.74 12.93
CA GLU C 51 22.26 -19.86 13.34
C GLU C 51 21.57 -20.54 12.17
N SER C 52 21.58 -19.88 11.00
CA SER C 52 20.80 -20.35 9.86
C SER C 52 21.55 -21.40 9.02
N ASP C 53 20.99 -22.60 8.96
CA ASP C 53 21.49 -23.67 8.10
C ASP C 53 21.17 -23.31 6.65
N PRO C 54 22.20 -23.15 5.81
CA PRO C 54 21.98 -22.76 4.42
C PRO C 54 21.23 -23.82 3.59
N LYS C 55 21.16 -25.07 4.07
CA LYS C 55 20.32 -26.09 3.43
C LYS C 55 18.83 -25.89 3.75
N ARG C 56 18.53 -25.10 4.78
CA ARG C 56 17.17 -24.93 5.29
C ARG C 56 17.14 -23.69 6.18
N PRO C 57 17.23 -22.51 5.55
CA PRO C 57 17.42 -21.27 6.32
C PRO C 57 16.34 -21.01 7.38
N ASN C 58 16.76 -20.39 8.47
CA ASN C 58 15.86 -19.98 9.53
C ASN C 58 14.82 -18.97 9.05
N ALA C 59 13.65 -19.00 9.68
CA ALA C 59 12.69 -17.90 9.54
C ALA C 59 12.99 -16.89 10.66
N CYS C 60 13.19 -15.63 10.30
CA CYS C 60 13.62 -14.60 11.27
C CYS C 60 12.88 -13.29 11.05
N THR C 61 12.41 -12.68 12.14
CA THR C 61 11.88 -11.33 12.12
C THR C 61 12.98 -10.41 11.65
N PHE C 62 12.71 -9.61 10.62
CA PHE C 62 13.78 -8.81 10.04
C PHE C 62 14.34 -7.78 11.01
N ASN C 63 15.66 -7.77 11.15
CA ASN C 63 16.36 -6.65 11.77
C ASN C 63 17.84 -6.66 11.48
N CYS C 64 18.47 -5.53 11.73
CA CYS C 64 19.92 -5.41 11.69
C CYS C 64 20.38 -5.34 13.14
N ASP C 65 21.22 -6.29 13.55
CA ASP C 65 21.77 -6.30 14.88
C ASP C 65 22.86 -5.22 14.92
N PRO C 66 22.70 -4.22 15.79
CA PRO C 66 23.60 -3.06 15.81
C PRO C 66 25.01 -3.43 16.22
N ASN C 67 25.15 -4.60 16.86
CA ASN C 67 26.44 -5.09 17.33
C ASN C 67 27.22 -5.87 16.29
N ILE C 68 26.61 -6.16 15.14
CA ILE C 68 27.30 -6.85 14.07
C ILE C 68 27.66 -5.88 12.96
N ALA C 69 28.95 -5.83 12.63
CA ALA C 69 29.42 -5.04 11.51
C ALA C 69 29.77 -5.94 10.32
N TYR C 70 30.28 -7.14 10.57
CA TYR C 70 30.81 -7.96 9.48
C TYR C 70 30.83 -9.45 9.78
N SER C 71 30.99 -10.26 8.72
CA SER C 71 31.06 -11.71 8.86
C SER C 71 32.35 -12.28 8.29
N ARG C 72 32.74 -13.45 8.81
CA ARG C 72 33.86 -14.19 8.30
C ARG C 72 33.42 -15.62 8.07
N CYS C 73 33.46 -16.06 6.81
CA CYS C 73 33.12 -17.42 6.42
C CYS C 73 34.35 -18.09 5.78
N PRO C 74 34.29 -19.39 5.49
CA PRO C 74 35.38 -20.06 4.79
C PRO C 74 35.58 -19.49 3.38
N ARG C 75 34.48 -19.13 2.73
CA ARG C 75 34.54 -18.51 1.41
C ARG C 75 34.39 -16.99 1.59
N SER C 76 35.19 -16.23 0.84
CA SER C 76 35.24 -14.78 0.98
C SER C 76 35.07 -14.03 -0.35
N GLN C 77 34.80 -14.77 -1.43
CA GLN C 77 34.75 -14.24 -2.79
C GLN C 77 33.50 -14.71 -3.52
N GLY C 78 33.13 -14.03 -4.61
CA GLY C 78 31.98 -14.41 -5.42
C GLY C 78 30.67 -13.86 -4.89
N LYS C 79 29.56 -14.26 -5.51
CA LYS C 79 28.26 -13.74 -5.09
C LYS C 79 27.70 -14.48 -3.87
N SER C 80 26.78 -13.83 -3.18
CA SER C 80 26.10 -14.47 -2.06
C SER C 80 24.71 -14.97 -2.44
N LEU C 81 24.18 -14.44 -3.54
CA LEU C 81 22.86 -14.80 -4.05
C LEU C 81 22.85 -15.03 -5.57
N ILE C 82 22.30 -16.17 -5.98
CA ILE C 82 22.11 -16.46 -7.41
C ILE C 82 20.62 -16.55 -7.67
N TYR C 83 20.08 -15.55 -8.35
CA TYR C 83 18.66 -15.52 -8.73
C TYR C 83 18.47 -14.56 -9.91
N PRO C 84 17.95 -15.07 -11.03
CA PRO C 84 17.58 -16.48 -11.20
C PRO C 84 18.80 -17.38 -11.50
N THR C 85 18.56 -18.65 -11.83
CA THR C 85 19.65 -19.61 -12.03
C THR C 85 19.93 -20.01 -13.48
N GLY C 86 19.07 -19.59 -14.41
CA GLY C 86 19.23 -19.92 -15.81
C GLY C 86 19.29 -21.43 -16.01
N CYS C 87 20.31 -21.90 -16.73
CA CYS C 87 20.45 -23.32 -17.03
C CYS C 87 21.27 -24.13 -16.03
N THR C 88 21.72 -23.48 -14.96
CA THR C 88 22.52 -24.09 -13.90
C THR C 88 21.96 -25.42 -13.40
N THR C 89 22.86 -26.39 -13.26
CA THR C 89 22.55 -27.67 -12.64
C THR C 89 23.36 -27.80 -11.34
N CYS C 90 23.09 -28.84 -10.57
CA CYS C 90 23.93 -29.17 -9.43
C CYS C 90 25.40 -29.24 -9.85
N CYS C 91 25.65 -29.84 -11.01
CA CYS C 91 27.01 -29.98 -11.52
C CYS C 91 27.65 -28.64 -11.91
N THR C 92 26.97 -27.83 -12.72
CA THR C 92 27.54 -26.54 -13.15
C THR C 92 27.42 -25.44 -12.10
N GLY C 93 26.61 -25.68 -11.06
CA GLY C 93 26.50 -24.76 -9.94
C GLY C 93 27.80 -24.63 -9.18
N TYR C 94 27.93 -23.60 -8.35
CA TYR C 94 29.20 -23.34 -7.68
C TYR C 94 29.33 -24.02 -6.31
N LYS C 95 30.55 -24.47 -6.02
CA LYS C 95 30.92 -25.01 -4.72
C LYS C 95 30.65 -23.94 -3.67
N GLY C 96 30.09 -24.34 -2.53
CA GLY C 96 29.77 -23.39 -1.47
C GLY C 96 28.53 -22.54 -1.78
N CYS C 97 27.84 -22.89 -2.87
CA CYS C 97 26.50 -22.38 -3.13
C CYS C 97 25.46 -23.48 -2.95
N TYR C 98 24.34 -23.12 -2.35
CA TYR C 98 23.29 -24.08 -2.03
C TYR C 98 22.06 -23.80 -2.85
N TYR C 99 21.65 -24.77 -3.66
CA TYR C 99 20.62 -24.54 -4.66
C TYR C 99 19.29 -25.13 -4.25
N PHE C 100 18.24 -24.35 -4.43
CA PHE C 100 16.89 -24.75 -4.06
C PHE C 100 16.05 -24.88 -5.33
N GLY C 101 15.07 -25.79 -5.27
CA GLY C 101 14.20 -26.03 -6.42
C GLY C 101 13.16 -24.95 -6.57
N LYS C 102 12.36 -25.06 -7.63
CA LYS C 102 11.22 -24.19 -7.85
C LYS C 102 10.17 -24.32 -6.75
N ASP C 103 10.12 -25.48 -6.10
CA ASP C 103 9.19 -25.71 -4.99
C ASP C 103 9.72 -25.12 -3.66
N GLY C 104 10.96 -24.61 -3.72
CA GLY C 104 11.58 -23.95 -2.59
C GLY C 104 12.29 -24.87 -1.62
N LYS C 105 12.41 -26.15 -1.97
CA LYS C 105 13.15 -27.09 -1.15
C LYS C 105 14.58 -27.21 -1.64
N PHE C 106 15.49 -27.50 -0.71
CA PHE C 106 16.89 -27.64 -1.00
C PHE C 106 17.11 -28.82 -1.93
N VAL C 107 17.92 -28.61 -2.96
CA VAL C 107 18.27 -29.70 -3.87
C VAL C 107 19.73 -30.15 -3.66
N CYS C 108 20.66 -29.21 -3.72
CA CYS C 108 22.09 -29.58 -3.76
C CYS C 108 23.02 -28.39 -3.61
N GLU C 109 24.21 -28.66 -3.09
CA GLU C 109 25.34 -27.76 -3.19
C GLU C 109 25.95 -27.89 -4.59
N GLY C 110 26.48 -26.78 -5.13
CA GLY C 110 27.10 -26.78 -6.45
C GLY C 110 28.44 -27.50 -6.49
N GLU C 111 28.86 -27.94 -7.67
CA GLU C 111 30.05 -28.80 -7.83
C GLU C 111 31.21 -28.18 -8.62
N SER C 112 30.99 -27.01 -9.21
CA SER C 112 32.02 -26.35 -10.03
C SER C 112 32.69 -25.21 -9.25
N ASP C 113 33.84 -24.76 -9.75
CA ASP C 113 34.50 -23.58 -9.20
C ASP C 113 33.91 -22.31 -9.79
N GLU C 114 33.81 -21.27 -8.97
CA GLU C 114 33.37 -19.94 -9.41
C GLU C 114 34.40 -19.31 -10.36
N PRO C 115 33.94 -18.55 -11.36
CA PRO C 115 34.83 -17.68 -12.13
C PRO C 115 35.08 -16.38 -11.37
N ALA D 2 4.66 17.95 19.82
CA ALA D 2 3.80 18.32 20.98
C ALA D 2 2.78 19.38 20.59
N CYS D 3 1.50 19.08 20.79
CA CYS D 3 0.41 19.97 20.38
C CYS D 3 -0.05 20.91 21.48
N THR D 4 -0.47 22.11 21.08
CA THR D 4 -1.08 23.08 21.97
C THR D 4 -2.54 22.70 22.25
N ARG D 5 -3.12 23.31 23.27
CA ARG D 5 -4.50 23.05 23.65
C ARG D 5 -5.50 23.75 22.72
N GLU D 6 -4.98 24.49 21.75
CA GLU D 6 -5.78 25.23 20.78
C GLU D 6 -6.93 24.41 20.21
N CYS D 7 -8.08 25.07 20.03
CA CYS D 7 -9.20 24.46 19.32
C CYS D 7 -9.30 25.00 17.89
N GLY D 8 -9.14 24.10 16.91
CA GLY D 8 -9.13 24.48 15.51
C GLY D 8 -10.50 24.71 14.91
N ASN D 9 -10.54 25.40 13.77
CA ASN D 9 -11.79 25.73 13.10
C ASN D 9 -11.84 25.21 11.66
N LEU D 10 -11.36 23.97 11.48
CA LEU D 10 -11.30 23.36 10.17
C LEU D 10 -12.66 22.87 9.67
N GLY D 11 -12.74 22.61 8.37
CA GLY D 11 -14.00 22.18 7.76
C GLY D 11 -14.12 20.68 7.61
N PHE D 12 -13.11 20.06 6.99
CA PHE D 12 -13.09 18.62 6.75
C PHE D 12 -11.68 18.14 6.38
N GLY D 13 -11.45 16.84 6.54
CA GLY D 13 -10.19 16.23 6.16
C GLY D 13 -10.44 15.00 5.31
N ILE D 14 -9.64 14.86 4.26
CA ILE D 14 -9.69 13.64 3.45
C ILE D 14 -8.39 12.84 3.58
N CYS D 15 -8.54 11.53 3.72
CA CYS D 15 -7.42 10.66 4.06
C CYS D 15 -7.29 9.49 3.10
N PRO D 16 -6.39 9.58 2.13
CA PRO D 16 -6.15 8.47 1.19
C PRO D 16 -5.71 7.24 1.96
N ARG D 17 -6.45 6.16 1.79
CA ARG D 17 -6.17 4.92 2.50
C ARG D 17 -6.54 3.72 1.63
N SER D 18 -5.79 2.63 1.76
CA SER D 18 -6.09 1.39 1.07
C SER D 18 -7.52 0.94 1.38
N GLU D 19 -8.30 0.66 0.33
CA GLU D 19 -9.69 0.22 0.52
C GLU D 19 -10.02 -0.92 -0.42
N GLY D 20 -10.89 -1.82 0.03
CA GLY D 20 -11.43 -2.85 -0.84
C GLY D 20 -10.69 -4.18 -0.90
N SER D 21 -11.35 -5.14 -1.53
CA SER D 21 -10.84 -6.50 -1.74
C SER D 21 -11.53 -7.09 -2.96
N PRO D 22 -10.95 -8.12 -3.59
CA PRO D 22 -11.61 -8.82 -4.69
C PRO D 22 -12.95 -9.43 -4.28
N LEU D 23 -13.16 -9.58 -2.98
CA LEU D 23 -14.40 -10.11 -2.44
C LEU D 23 -15.38 -8.99 -2.09
N ASN D 24 -14.85 -7.85 -1.63
CA ASN D 24 -15.65 -6.66 -1.34
C ASN D 24 -15.10 -5.41 -2.03
N PRO D 25 -15.40 -5.25 -3.33
CA PRO D 25 -14.80 -4.19 -4.14
C PRO D 25 -15.28 -2.77 -3.81
N ILE D 26 -14.46 -1.78 -4.13
CA ILE D 26 -14.82 -0.38 -3.93
C ILE D 26 -15.28 0.27 -5.24
N CYS D 27 -16.07 1.34 -5.09
CA CYS D 27 -16.43 2.20 -6.20
C CYS D 27 -15.45 3.35 -6.25
N ILE D 28 -14.71 3.43 -7.35
CA ILE D 28 -13.71 4.47 -7.57
C ILE D 28 -13.31 4.43 -9.04
N ASN D 29 -12.66 5.48 -9.51
CA ASN D 29 -12.08 5.48 -10.84
C ASN D 29 -10.75 6.22 -10.78
N CYS D 30 -9.99 6.15 -11.87
CA CYS D 30 -8.65 6.72 -11.93
C CYS D 30 -8.60 8.23 -11.71
N CYS D 31 -9.61 8.93 -12.24
CA CYS D 31 -9.79 10.38 -12.04
C CYS D 31 -9.90 10.78 -10.56
N SER D 32 -10.79 10.12 -9.81
CA SER D 32 -11.04 10.49 -8.42
C SER D 32 -10.18 9.78 -7.39
N GLY D 33 -9.56 8.67 -7.79
CA GLY D 33 -8.60 7.97 -6.94
C GLY D 33 -7.36 8.83 -6.78
N TYR D 34 -6.60 8.55 -5.73
CA TYR D 34 -5.54 9.47 -5.28
C TYR D 34 -4.17 9.23 -5.85
N LYS D 35 -3.48 10.33 -6.13
CA LYS D 35 -2.04 10.29 -6.41
C LYS D 35 -1.36 9.57 -5.25
N GLY D 36 -0.41 8.69 -5.56
CA GLY D 36 0.33 7.97 -4.54
C GLY D 36 -0.36 6.68 -4.13
N CYS D 37 -1.57 6.45 -4.64
CA CYS D 37 -2.29 5.20 -4.42
C CYS D 37 -2.36 4.41 -5.74
N ASN D 38 -2.21 3.09 -5.64
CA ASN D 38 -2.38 2.21 -6.79
C ASN D 38 -3.75 1.53 -6.76
N TYR D 39 -4.36 1.37 -7.93
CA TYR D 39 -5.71 0.82 -8.07
C TYR D 39 -5.71 -0.46 -8.93
N TYR D 40 -6.38 -1.50 -8.46
CA TYR D 40 -6.26 -2.83 -9.04
C TYR D 40 -7.60 -3.48 -9.32
N ASN D 41 -7.62 -4.44 -10.25
CA ASN D 41 -8.81 -5.25 -10.47
C ASN D 41 -8.89 -6.43 -9.50
N SER D 42 -9.97 -7.20 -9.60
CA SER D 42 -10.25 -8.29 -8.68
C SER D 42 -9.22 -9.43 -8.75
N PHE D 43 -8.40 -9.44 -9.81
CA PHE D 43 -7.35 -10.44 -9.95
C PHE D 43 -5.96 -9.84 -9.74
N GLY D 44 -5.93 -8.62 -9.21
CA GLY D 44 -4.68 -7.97 -8.86
C GLY D 44 -3.91 -7.34 -10.02
N LYS D 45 -4.58 -7.17 -11.15
CA LYS D 45 -3.99 -6.46 -12.28
C LYS D 45 -3.98 -4.96 -11.99
N PHE D 46 -2.81 -4.34 -12.21
CA PHE D 46 -2.65 -2.92 -11.98
C PHE D 46 -3.39 -2.14 -13.07
N ILE D 47 -4.29 -1.26 -12.63
CA ILE D 47 -5.08 -0.46 -13.56
C ILE D 47 -4.49 0.94 -13.71
N CYS D 48 -4.24 1.61 -12.59
CA CYS D 48 -3.70 2.96 -12.60
C CYS D 48 -3.25 3.47 -11.23
N GLU D 49 -2.35 4.45 -11.25
CA GLU D 49 -2.19 5.34 -10.13
C GLU D 49 -3.32 6.36 -10.20
N GLY D 50 -3.88 6.70 -9.03
CA GLY D 50 -4.87 7.76 -8.96
C GLY D 50 -4.32 9.07 -9.48
N GLU D 51 -5.20 9.91 -9.99
CA GLU D 51 -4.82 11.15 -10.67
C GLU D 51 -5.10 12.36 -9.77
N SER D 52 -5.77 12.13 -8.65
CA SER D 52 -6.29 13.24 -7.84
C SER D 52 -5.36 13.62 -6.69
N ASP D 53 -4.89 14.87 -6.76
CA ASP D 53 -4.10 15.46 -5.70
C ASP D 53 -5.01 15.71 -4.50
N PRO D 54 -4.72 15.07 -3.37
CA PRO D 54 -5.53 15.23 -2.16
C PRO D 54 -5.59 16.67 -1.65
N LYS D 55 -4.59 17.49 -1.96
CA LYS D 55 -4.57 18.89 -1.53
C LYS D 55 -5.43 19.76 -2.43
N ARG D 56 -5.74 19.27 -3.62
CA ARG D 56 -6.44 20.03 -4.66
C ARG D 56 -7.06 19.04 -5.63
N PRO D 57 -8.12 18.34 -5.20
CA PRO D 57 -8.62 17.16 -5.93
C PRO D 57 -9.26 17.45 -7.27
N ASN D 58 -9.27 16.44 -8.15
CA ASN D 58 -9.90 16.56 -9.47
C ASN D 58 -11.42 16.70 -9.33
N ALA D 59 -12.04 17.39 -10.27
CA ALA D 59 -13.47 17.28 -10.47
C ALA D 59 -13.65 16.12 -11.45
N CYS D 60 -14.48 15.15 -11.07
CA CYS D 60 -14.69 13.96 -11.89
C CYS D 60 -16.15 13.63 -12.04
N THR D 61 -16.53 13.16 -13.23
CA THR D 61 -17.88 12.67 -13.49
C THR D 61 -18.03 11.40 -12.67
N PHE D 62 -19.05 11.35 -11.82
CA PHE D 62 -19.20 10.18 -10.97
C PHE D 62 -19.38 8.89 -11.76
N ASN D 63 -18.50 7.94 -11.50
CA ASN D 63 -18.68 6.57 -11.95
C ASN D 63 -17.85 5.61 -11.12
N CYS D 64 -18.17 4.32 -11.25
CA CYS D 64 -17.36 3.25 -10.68
C CYS D 64 -16.76 2.48 -11.85
N ASP D 65 -15.42 2.54 -11.95
CA ASP D 65 -14.69 1.75 -12.93
C ASP D 65 -14.82 0.27 -12.55
N PRO D 66 -15.44 -0.52 -13.43
CA PRO D 66 -15.63 -1.95 -13.19
C PRO D 66 -14.31 -2.71 -13.11
N ASN D 67 -13.24 -2.13 -13.64
CA ASN D 67 -11.91 -2.73 -13.56
C ASN D 67 -11.14 -2.43 -12.28
N ILE D 68 -11.75 -1.72 -11.34
CA ILE D 68 -11.10 -1.46 -10.06
C ILE D 68 -11.88 -2.06 -8.89
N ALA D 69 -11.22 -2.95 -8.16
CA ALA D 69 -11.80 -3.58 -6.98
C ALA D 69 -11.24 -3.00 -5.70
N TYR D 70 -9.97 -2.61 -5.72
CA TYR D 70 -9.29 -2.15 -4.51
C TYR D 70 -8.11 -1.21 -4.77
N SER D 71 -7.72 -0.48 -3.72
CA SER D 71 -6.65 0.50 -3.78
C SER D 71 -5.59 0.20 -2.75
N ARG D 72 -4.35 0.56 -3.06
CA ARG D 72 -3.25 0.42 -2.12
C ARG D 72 -2.52 1.76 -1.98
N CYS D 73 -2.59 2.31 -0.77
CA CYS D 73 -2.06 3.63 -0.44
C CYS D 73 -0.90 3.49 0.54
N PRO D 74 -0.08 4.53 0.70
CA PRO D 74 1.03 4.51 1.68
C PRO D 74 0.53 4.22 3.09
N ARG D 75 -0.63 4.75 3.44
CA ARG D 75 -1.29 4.46 4.71
C ARG D 75 -2.54 3.64 4.45
N SER D 76 -2.89 2.76 5.37
CA SER D 76 -4.08 1.93 5.24
C SER D 76 -4.95 2.00 6.50
N GLN D 77 -4.51 2.85 7.44
CA GLN D 77 -5.06 2.89 8.79
C GLN D 77 -5.88 4.15 9.05
N GLY D 78 -7.12 3.97 9.48
CA GLY D 78 -7.99 5.08 9.89
C GLY D 78 -9.17 5.35 8.97
N LYS D 79 -9.85 6.46 9.22
CA LYS D 79 -10.99 6.88 8.40
C LYS D 79 -10.50 7.55 7.13
N SER D 80 -11.22 7.34 6.04
CA SER D 80 -10.87 7.99 4.77
C SER D 80 -11.43 9.42 4.69
N LEU D 81 -12.35 9.73 5.61
CA LEU D 81 -13.04 11.02 5.65
C LEU D 81 -13.27 11.49 7.07
N ILE D 82 -12.90 12.74 7.34
CA ILE D 82 -13.15 13.36 8.63
C ILE D 82 -14.06 14.57 8.45
N TYR D 83 -15.27 14.47 8.99
CA TYR D 83 -16.30 15.50 8.86
C TYR D 83 -17.40 15.26 9.91
N PRO D 84 -17.61 16.20 10.82
CA PRO D 84 -16.82 17.45 10.88
C PRO D 84 -15.49 17.21 11.59
N THR D 85 -14.74 18.27 11.87
CA THR D 85 -13.42 18.11 12.48
C THR D 85 -13.38 18.46 13.96
N GLY D 86 -14.42 19.12 14.45
CA GLY D 86 -14.46 19.57 15.83
C GLY D 86 -13.27 20.44 16.17
N CYS D 87 -12.56 20.09 17.24
CA CYS D 87 -11.45 20.90 17.72
C CYS D 87 -10.10 20.66 17.02
N THR D 88 -10.08 19.68 16.12
CA THR D 88 -8.87 19.32 15.36
C THR D 88 -8.09 20.52 14.81
N THR D 89 -6.79 20.52 15.05
CA THR D 89 -5.89 21.50 14.45
C THR D 89 -4.93 20.79 13.52
N CYS D 90 -4.18 21.56 12.74
CA CYS D 90 -3.12 21.03 11.89
C CYS D 90 -2.23 20.05 12.64
N CYS D 91 -2.00 20.35 13.92
CA CYS D 91 -1.13 19.54 14.78
C CYS D 91 -1.79 18.24 15.25
N THR D 92 -3.02 18.35 15.76
CA THR D 92 -3.76 17.19 16.29
C THR D 92 -4.38 16.35 15.18
N GLY D 93 -4.49 16.92 13.98
CA GLY D 93 -4.87 16.16 12.80
C GLY D 93 -3.83 15.10 12.47
N TYR D 94 -4.27 14.03 11.81
CA TYR D 94 -3.37 12.91 11.50
C TYR D 94 -2.63 13.10 10.19
N LYS D 95 -1.39 12.61 10.14
CA LYS D 95 -0.64 12.55 8.88
C LYS D 95 -1.36 11.64 7.88
N GLY D 96 -1.19 11.93 6.60
CA GLY D 96 -1.95 11.27 5.56
C GLY D 96 -3.40 11.75 5.52
N CYS D 97 -3.67 12.83 6.24
CA CYS D 97 -4.98 13.47 6.22
C CYS D 97 -4.79 14.92 5.83
N TYR D 98 -5.61 15.35 4.88
CA TYR D 98 -5.47 16.67 4.28
C TYR D 98 -6.67 17.52 4.65
N TYR D 99 -6.40 18.57 5.42
CA TYR D 99 -7.45 19.37 6.05
C TYR D 99 -7.72 20.68 5.33
N PHE D 100 -9.00 20.97 5.14
CA PHE D 100 -9.45 22.14 4.42
C PHE D 100 -10.23 23.03 5.36
N GLY D 101 -10.16 24.34 5.15
CA GLY D 101 -10.88 25.29 5.99
C GLY D 101 -12.37 25.27 5.72
N LYS D 102 -13.12 26.00 6.53
CA LYS D 102 -14.56 26.16 6.33
C LYS D 102 -14.86 26.83 4.98
N ASP D 103 -13.89 27.57 4.45
CA ASP D 103 -14.02 28.23 3.16
C ASP D 103 -13.68 27.31 1.97
N GLY D 104 -13.46 26.03 2.26
CA GLY D 104 -13.17 25.02 1.24
C GLY D 104 -11.75 25.07 0.71
N LYS D 105 -10.90 25.87 1.34
CA LYS D 105 -9.52 26.02 0.94
C LYS D 105 -8.65 25.02 1.69
N PHE D 106 -7.68 24.42 0.99
CA PHE D 106 -6.72 23.52 1.65
C PHE D 106 -5.88 24.32 2.63
N VAL D 107 -5.67 23.75 3.81
CA VAL D 107 -4.94 24.40 4.88
C VAL D 107 -3.61 23.69 5.16
N CYS D 108 -3.69 22.40 5.50
CA CYS D 108 -2.52 21.63 5.93
C CYS D 108 -2.76 20.13 5.95
N GLU D 109 -1.68 19.38 5.82
CA GLU D 109 -1.64 17.99 6.21
C GLU D 109 -1.45 17.90 7.73
N GLY D 110 -2.12 16.93 8.36
CA GLY D 110 -1.98 16.69 9.78
C GLY D 110 -0.58 16.21 10.16
N GLU D 111 -0.23 16.39 11.43
CA GLU D 111 1.12 16.12 11.90
C GLU D 111 1.19 15.00 12.95
N SER D 112 0.02 14.59 13.45
CA SER D 112 -0.05 13.58 14.51
C SER D 112 -0.19 12.16 13.97
N ASP D 113 0.20 11.19 14.80
CA ASP D 113 0.06 9.78 14.45
C ASP D 113 -1.39 9.34 14.58
N GLU D 114 -1.79 8.37 13.75
CA GLU D 114 -3.12 7.78 13.81
C GLU D 114 -3.31 6.94 15.08
N PRO D 115 -4.56 6.81 15.54
CA PRO D 115 -4.86 6.00 16.74
C PRO D 115 -4.69 4.49 16.52
#